data_4XFM
#
_entry.id   4XFM
#
_cell.length_a   153.696
_cell.length_b   47.611
_cell.length_c   64.142
_cell.angle_alpha   90.000
_cell.angle_beta   107.120
_cell.angle_gamma   90.000
#
_symmetry.space_group_name_H-M   'C 1 2 1'
#
loop_
_entity.id
_entity.type
_entity.pdbx_description
1 polymer 'Uncharacterized protein'
2 non-polymer 'THREONATE ION'
3 water water
#
_entity_poly.entity_id   1
_entity_poly.type   'polypeptide(L)'
_entity_poly.pdbx_seq_one_letter_code
;MHHHHHHSSGVDLGTENLYFQSMPNVQQSAGQVLVVADDFTGANDAGVGLAQHGARVSVVFDVNTLHADLLGDAVVINTD
SRAARDDVASQRTAAAVAAWQAVGGKGWIIKKIDSTLRGNLGAEVAAALSAADVPVALIAAASPTLGRVTRQGEVWVNGR
RLTDTEFASDPKTPVTSASIAARLAEQTALPVAEIHLDEVRQANLAHRLQQLADEGTRLIILDTDVQDDLTHIVNAARAL
PFRPLLVGSAGLSDALATAQDFTRKTEKPLLAVVGSMSDIAQKQIAAARLRSDVTLVEIDINALFSPDSSTVMASQCEDA
LKALTNGHHCIIRTCHNENQRFEIDARCRELGLSRQQLGETISHYLGELTRSIVQALDSLAADGTRRRLPGGLYLSGGDI
AIAVATALGATGFQIKGQIASCVPWGYLLNSIVGMTPVMTKAGGFGNETTLLDVLRFIEEKVSE
;
_entity_poly.pdbx_strand_id   A
#
loop_
_chem_comp.id
_chem_comp.type
_chem_comp.name
_chem_comp.formula
THE non-polymer 'THREONATE ION' 'C4 H7 O5 -1'
#
# COMPACT_ATOMS: atom_id res chain seq x y z
N GLY A 31 14.89 -5.65 2.67
CA GLY A 31 13.49 -5.27 2.70
C GLY A 31 13.12 -4.49 1.46
N GLN A 32 14.04 -4.45 0.49
CA GLN A 32 13.83 -3.69 -0.73
C GLN A 32 13.19 -4.55 -1.82
N VAL A 33 12.40 -3.93 -2.68
CA VAL A 33 11.76 -4.63 -3.78
C VAL A 33 12.20 -4.05 -5.14
N LEU A 34 12.50 -4.93 -6.09
CA LEU A 34 12.68 -4.55 -7.49
C LEU A 34 11.54 -5.15 -8.28
N VAL A 35 10.85 -4.32 -9.06
CA VAL A 35 9.86 -4.80 -10.01
C VAL A 35 10.43 -4.58 -11.41
N VAL A 36 10.49 -5.62 -12.23
CA VAL A 36 10.87 -5.50 -13.63
C VAL A 36 9.62 -5.83 -14.44
N ALA A 37 9.03 -4.81 -15.06
CA ALA A 37 7.79 -4.93 -15.84
C ALA A 37 8.14 -4.79 -17.31
N ASP A 38 7.34 -5.40 -18.20
CA ASP A 38 7.61 -5.31 -19.61
C ASP A 38 6.89 -4.16 -20.34
N ASP A 39 6.04 -3.41 -19.64
CA ASP A 39 5.39 -2.28 -20.25
C ASP A 39 5.03 -1.17 -19.26
N PHE A 40 4.59 -0.05 -19.82
CA PHE A 40 4.27 1.18 -19.08
C PHE A 40 3.20 0.98 -18.05
N THR A 41 2.07 0.41 -18.46
CA THR A 41 0.95 0.23 -17.54
C THR A 41 1.28 -0.76 -16.43
N GLY A 42 1.95 -1.87 -16.76
CA GLY A 42 2.36 -2.83 -15.77
C GLY A 42 3.29 -2.23 -14.72
N ALA A 43 4.21 -1.41 -15.19
CA ALA A 43 5.11 -0.73 -14.25
C ALA A 43 4.36 0.19 -13.31
N ASN A 44 3.48 1.01 -13.87
CA ASN A 44 2.67 1.89 -13.05
C ASN A 44 1.78 1.17 -12.08
N ASP A 45 1.14 0.11 -12.55
CA ASP A 45 0.20 -0.65 -11.71
C ASP A 45 0.96 -1.26 -10.52
N ALA A 46 2.16 -1.78 -10.76
CA ALA A 46 2.96 -2.36 -9.67
C ALA A 46 3.37 -1.27 -8.67
N GLY A 47 3.82 -0.13 -9.19
CA GLY A 47 4.14 1.03 -8.39
C GLY A 47 3.03 1.54 -7.51
N VAL A 48 1.85 1.70 -8.12
CA VAL A 48 0.68 2.12 -7.37
C VAL A 48 0.40 1.16 -6.18
N GLY A 49 0.46 -0.13 -6.47
CA GLY A 49 0.17 -1.14 -5.47
C GLY A 49 1.16 -1.04 -4.32
N LEU A 50 2.42 -0.86 -4.65
CA LEU A 50 3.43 -0.67 -3.60
C LEU A 50 3.21 0.60 -2.76
N ALA A 51 2.91 1.71 -3.41
CA ALA A 51 2.66 2.95 -2.72
C ALA A 51 1.46 2.85 -1.81
N GLN A 52 0.47 2.08 -2.25
CA GLN A 52 -0.77 1.97 -1.49
C GLN A 52 -0.55 1.21 -0.17
N HIS A 53 0.48 0.37 -0.18
CA HIS A 53 0.85 -0.43 0.99
C HIS A 53 2.00 0.22 1.77
N GLY A 54 2.28 1.50 1.51
CA GLY A 54 3.21 2.25 2.33
C GLY A 54 4.63 2.41 1.80
N ALA A 55 4.91 1.87 0.63
CA ALA A 55 6.26 1.93 0.07
C ALA A 55 6.60 3.32 -0.49
N ARG A 56 7.86 3.71 -0.32
CA ARG A 56 8.47 4.75 -1.15
C ARG A 56 8.92 4.06 -2.43
N VAL A 57 8.31 4.42 -3.56
CA VAL A 57 8.50 3.69 -4.77
C VAL A 57 8.66 4.62 -5.95
N SER A 58 9.64 4.32 -6.81
CA SER A 58 9.79 5.10 -8.01
C SER A 58 10.05 4.21 -9.21
N VAL A 59 9.55 4.69 -10.36
CA VAL A 59 9.91 4.16 -11.66
C VAL A 59 11.16 4.91 -12.10
N VAL A 60 12.19 4.16 -12.48
CA VAL A 60 13.44 4.76 -12.93
C VAL A 60 13.52 4.50 -14.45
N PHE A 61 13.65 5.57 -15.22
CA PHE A 61 13.55 5.51 -16.66
C PHE A 61 14.74 4.83 -17.34
N ASP A 62 15.94 5.02 -16.79
CA ASP A 62 17.16 4.47 -17.39
C ASP A 62 17.87 3.74 -16.27
N VAL A 63 18.09 2.44 -16.41
CA VAL A 63 18.80 1.74 -15.34
C VAL A 63 20.09 2.49 -14.91
N ASN A 64 20.67 3.28 -15.80
CA ASN A 64 21.91 4.04 -15.47
C ASN A 64 21.85 5.16 -14.42
N THR A 65 20.67 5.50 -13.94
CA THR A 65 20.52 6.50 -12.92
C THR A 65 20.20 5.80 -11.61
N LEU A 66 20.28 4.47 -11.55
CA LEU A 66 20.09 3.75 -10.27
C LEU A 66 21.27 3.97 -9.33
N HIS A 67 20.95 4.18 -8.05
CA HIS A 67 21.98 4.30 -7.01
C HIS A 67 21.32 3.95 -5.69
N ALA A 68 22.13 3.75 -4.65
CA ALA A 68 21.67 3.18 -3.37
C ALA A 68 20.47 3.88 -2.72
N ASP A 69 20.47 5.21 -2.76
CA ASP A 69 19.41 5.99 -2.12
C ASP A 69 18.06 5.83 -2.81
N LEU A 70 18.06 5.35 -4.04
CA LEU A 70 16.82 5.17 -4.77
C LEU A 70 16.20 3.82 -4.41
N LEU A 71 16.98 2.95 -3.76
CA LEU A 71 16.49 1.59 -3.46
C LEU A 71 15.38 1.47 -2.40
N GLY A 72 15.32 2.38 -1.45
CA GLY A 72 14.31 2.22 -0.42
C GLY A 72 13.04 2.90 -0.87
N ASP A 73 11.88 2.22 -0.90
CA ASP A 73 11.64 0.83 -0.60
C ASP A 73 11.50 -0.06 -1.85
N ALA A 74 11.13 0.53 -2.97
CA ALA A 74 10.94 -0.21 -4.19
C ALA A 74 11.35 0.62 -5.39
N VAL A 75 11.95 -0.03 -6.36
N VAL A 75 11.89 -0.08 -6.38
CA VAL A 75 12.16 0.59 -7.66
CA VAL A 75 12.30 0.44 -7.67
C VAL A 75 11.55 -0.27 -8.75
C VAL A 75 11.54 -0.32 -8.75
N VAL A 76 10.98 0.38 -9.74
CA VAL A 76 10.28 -0.27 -10.84
C VAL A 76 11.00 0.11 -12.13
N ILE A 77 11.33 -0.89 -12.93
CA ILE A 77 11.91 -0.71 -14.24
C ILE A 77 10.94 -1.21 -15.30
N ASN A 78 10.74 -0.42 -16.33
CA ASN A 78 9.94 -0.80 -17.51
C ASN A 78 10.87 -1.12 -18.68
N THR A 79 10.97 -2.39 -19.02
CA THR A 79 11.85 -2.81 -20.10
C THR A 79 11.27 -2.60 -21.50
N ASP A 80 10.01 -2.16 -21.54
CA ASP A 80 9.30 -1.87 -22.79
C ASP A 80 9.61 -2.90 -23.84
N SER A 81 9.37 -4.17 -23.50
CA SER A 81 9.90 -5.28 -24.27
C SER A 81 8.81 -6.25 -24.73
N ARG A 82 7.56 -5.89 -24.54
CA ARG A 82 6.49 -6.83 -24.91
C ARG A 82 6.46 -7.22 -26.37
N ALA A 83 6.82 -6.32 -27.26
CA ALA A 83 6.87 -6.62 -28.67
C ALA A 83 8.29 -6.64 -29.20
N ALA A 84 9.27 -6.73 -28.30
CA ALA A 84 10.66 -6.75 -28.72
C ALA A 84 11.07 -8.14 -29.14
N ARG A 85 12.21 -8.22 -29.82
CA ARG A 85 12.88 -9.49 -30.04
C ARG A 85 13.08 -10.18 -28.70
N ASP A 86 13.03 -11.50 -28.71
CA ASP A 86 13.23 -12.26 -27.49
C ASP A 86 14.63 -12.02 -26.87
N ASP A 87 15.66 -11.89 -27.69
CA ASP A 87 17.00 -11.72 -27.12
C ASP A 87 17.18 -10.34 -26.50
N VAL A 88 16.54 -9.34 -27.09
CA VAL A 88 16.52 -8.00 -26.53
C VAL A 88 15.76 -7.96 -25.21
N ALA A 89 14.59 -8.59 -25.20
CA ALA A 89 13.83 -8.69 -23.97
C ALA A 89 14.60 -9.34 -22.85
N SER A 90 15.27 -10.44 -23.17
CA SER A 90 16.13 -11.13 -22.20
C SER A 90 17.25 -10.22 -21.67
N GLN A 91 17.97 -9.59 -22.59
CA GLN A 91 19.09 -8.71 -22.23
C GLN A 91 18.63 -7.58 -21.32
N ARG A 92 17.52 -6.94 -21.66
CA ARG A 92 17.04 -5.83 -20.86
C ARG A 92 16.62 -6.25 -19.45
N THR A 93 15.97 -7.41 -19.36
CA THR A 93 15.47 -7.89 -18.10
C THR A 93 16.64 -8.23 -17.18
N ALA A 94 17.61 -8.93 -17.73
CA ALA A 94 18.76 -9.30 -16.91
C ALA A 94 19.51 -8.04 -16.50
N ALA A 95 19.61 -7.07 -17.40
CA ALA A 95 20.40 -5.86 -17.13
C ALA A 95 19.76 -5.06 -15.98
N ALA A 96 18.42 -5.04 -15.92
CA ALA A 96 17.68 -4.37 -14.87
C ALA A 96 17.98 -4.97 -13.51
N VAL A 97 17.95 -6.30 -13.44
CA VAL A 97 18.28 -7.01 -12.21
C VAL A 97 19.73 -6.71 -11.82
N ALA A 98 20.65 -6.80 -12.78
CA ALA A 98 22.06 -6.60 -12.47
C ALA A 98 22.33 -5.19 -11.95
N ALA A 99 21.64 -4.19 -12.51
CA ALA A 99 21.92 -2.81 -12.13
C ALA A 99 21.45 -2.59 -10.70
N TRP A 100 20.33 -3.19 -10.35
CA TRP A 100 19.81 -3.12 -8.99
C TRP A 100 20.73 -3.81 -8.01
N GLN A 101 21.22 -4.99 -8.38
CA GLN A 101 22.19 -5.68 -7.53
C GLN A 101 23.46 -4.86 -7.34
N ALA A 102 23.92 -4.23 -8.42
CA ALA A 102 25.20 -3.53 -8.38
C ALA A 102 25.23 -2.34 -7.41
N VAL A 103 24.07 -1.78 -7.09
CA VAL A 103 24.04 -0.67 -6.14
C VAL A 103 23.58 -1.12 -4.75
N GLY A 104 23.52 -2.42 -4.56
CA GLY A 104 23.32 -2.97 -3.23
C GLY A 104 21.92 -3.45 -2.94
N GLY A 105 21.08 -3.57 -3.97
CA GLY A 105 19.73 -4.04 -3.80
C GLY A 105 19.72 -5.44 -3.21
N LYS A 106 18.94 -5.60 -2.15
CA LYS A 106 18.74 -6.88 -1.53
C LYS A 106 17.31 -6.94 -0.99
N GLY A 107 16.60 -7.98 -1.37
CA GLY A 107 15.25 -8.16 -0.89
C GLY A 107 14.56 -9.07 -1.86
N TRP A 108 13.52 -8.57 -2.52
CA TRP A 108 12.68 -9.37 -3.39
C TRP A 108 12.67 -8.81 -4.79
N ILE A 109 12.75 -9.68 -5.77
CA ILE A 109 12.62 -9.33 -7.19
C ILE A 109 11.32 -9.93 -7.71
N ILE A 110 10.46 -9.10 -8.30
CA ILE A 110 9.27 -9.55 -8.99
C ILE A 110 9.38 -9.21 -10.46
N LYS A 111 9.30 -10.22 -11.30
CA LYS A 111 9.19 -10.05 -12.74
C LYS A 111 7.70 -9.89 -13.00
N LYS A 112 7.25 -8.67 -13.31
CA LYS A 112 5.87 -8.36 -13.62
C LYS A 112 5.61 -8.73 -15.06
N ILE A 113 4.68 -9.68 -15.25
CA ILE A 113 4.25 -10.12 -16.55
C ILE A 113 2.80 -9.71 -16.77
N ASP A 114 2.39 -9.71 -18.01
CA ASP A 114 0.97 -9.53 -18.36
C ASP A 114 0.14 -10.64 -17.73
N SER A 115 -0.92 -10.27 -17.03
CA SER A 115 -1.86 -11.27 -16.51
C SER A 115 -2.45 -12.13 -17.61
N THR A 116 -2.59 -11.59 -18.81
CA THR A 116 -3.14 -12.28 -19.96
C THR A 116 -2.06 -12.85 -20.90
N LEU A 117 -0.84 -12.98 -20.36
CA LEU A 117 0.22 -13.80 -20.95
C LEU A 117 0.74 -13.36 -22.30
N ARG A 118 0.59 -12.08 -22.64
CA ARG A 118 1.21 -11.53 -23.84
C ARG A 118 2.68 -11.26 -23.57
N GLY A 119 3.51 -11.46 -24.60
CA GLY A 119 4.89 -11.00 -24.57
C GLY A 119 5.95 -12.09 -24.53
N ASN A 120 7.17 -11.67 -24.17
CA ASN A 120 8.32 -12.54 -24.20
C ASN A 120 8.49 -13.24 -22.86
N LEU A 121 7.48 -14.01 -22.47
CA LEU A 121 7.42 -14.54 -21.12
C LEU A 121 8.64 -15.39 -20.78
N GLY A 122 8.91 -16.42 -21.59
CA GLY A 122 9.97 -17.34 -21.27
C GLY A 122 11.32 -16.67 -21.29
N ALA A 123 11.58 -15.83 -22.29
CA ALA A 123 12.87 -15.16 -22.36
C ALA A 123 13.12 -14.27 -21.15
N GLU A 124 12.12 -13.48 -20.76
CA GLU A 124 12.27 -12.56 -19.66
C GLU A 124 12.33 -13.26 -18.31
N VAL A 125 11.51 -14.29 -18.11
CA VAL A 125 11.56 -15.04 -16.86
C VAL A 125 12.92 -15.74 -16.73
N ALA A 126 13.40 -16.40 -17.78
CA ALA A 126 14.69 -17.07 -17.73
C ALA A 126 15.80 -16.08 -17.41
N ALA A 127 15.73 -14.89 -18.02
CA ALA A 127 16.77 -13.88 -17.81
C ALA A 127 16.77 -13.39 -16.39
N ALA A 128 15.59 -13.09 -15.88
CA ALA A 128 15.46 -12.65 -14.50
C ALA A 128 15.93 -13.71 -13.53
N LEU A 129 15.62 -14.97 -13.80
CA LEU A 129 16.04 -16.05 -12.90
C LEU A 129 17.55 -16.23 -12.93
N SER A 130 18.15 -16.18 -14.11
CA SER A 130 19.58 -16.25 -14.21
C SER A 130 20.25 -15.14 -13.42
N ALA A 131 19.74 -13.93 -13.57
CA ALA A 131 20.34 -12.78 -12.90
C ALA A 131 20.14 -12.88 -11.40
N ALA A 132 18.98 -13.36 -10.99
CA ALA A 132 18.70 -13.51 -9.56
C ALA A 132 19.57 -14.59 -8.92
N ASP A 133 20.01 -15.58 -9.69
CA ASP A 133 20.92 -16.62 -9.19
C ASP A 133 20.37 -17.34 -7.95
N VAL A 134 19.12 -17.80 -8.05
CA VAL A 134 18.50 -18.62 -7.03
C VAL A 134 17.86 -19.82 -7.71
N PRO A 135 17.57 -20.86 -6.94
CA PRO A 135 17.14 -22.10 -7.61
C PRO A 135 15.81 -22.03 -8.35
N VAL A 136 14.83 -21.29 -7.85
CA VAL A 136 13.54 -21.30 -8.49
C VAL A 136 12.88 -19.94 -8.62
N ALA A 137 12.00 -19.88 -9.60
CA ALA A 137 11.03 -18.81 -9.75
C ALA A 137 9.66 -19.37 -9.45
N LEU A 138 8.88 -18.60 -8.69
CA LEU A 138 7.49 -18.89 -8.42
C LEU A 138 6.64 -18.08 -9.36
N ILE A 139 5.95 -18.76 -10.25
CA ILE A 139 5.09 -18.12 -11.21
C ILE A 139 3.64 -18.26 -10.73
N ALA A 140 3.14 -17.16 -10.19
CA ALA A 140 1.80 -17.06 -9.62
C ALA A 140 1.17 -15.84 -10.29
N ALA A 141 0.62 -16.07 -11.48
CA ALA A 141 0.26 -15.02 -12.41
C ALA A 141 -1.11 -14.45 -12.21
N ALA A 142 -1.92 -15.06 -11.36
CA ALA A 142 -3.31 -14.64 -11.24
C ALA A 142 -3.51 -13.25 -10.64
N SER A 143 -4.62 -12.63 -11.02
CA SER A 143 -5.11 -11.43 -10.36
C SER A 143 -6.61 -11.60 -10.16
N PRO A 144 -7.01 -12.33 -9.11
CA PRO A 144 -8.43 -12.68 -9.00
C PRO A 144 -9.35 -11.47 -8.92
N THR A 145 -8.91 -10.37 -8.32
CA THR A 145 -9.85 -9.26 -8.17
C THR A 145 -10.09 -8.58 -9.53
N LEU A 146 -9.26 -8.92 -10.52
CA LEU A 146 -9.43 -8.44 -11.90
C LEU A 146 -9.95 -9.54 -12.84
N GLY A 147 -10.37 -10.66 -12.27
CA GLY A 147 -11.00 -11.72 -13.02
C GLY A 147 -10.05 -12.68 -13.72
N ARG A 148 -8.77 -12.63 -13.38
CA ARG A 148 -7.80 -13.60 -13.88
C ARG A 148 -7.44 -14.63 -12.82
N VAL A 149 -7.72 -15.90 -13.11
CA VAL A 149 -7.36 -16.98 -12.21
C VAL A 149 -6.54 -18.02 -12.97
N THR A 150 -5.80 -18.83 -12.23
CA THR A 150 -5.03 -19.92 -12.82
C THR A 150 -5.55 -21.25 -12.26
N ARG A 151 -6.04 -22.10 -13.17
CA ARG A 151 -6.66 -23.39 -12.85
C ARG A 151 -5.96 -24.48 -13.62
N GLN A 152 -5.45 -25.48 -12.92
CA GLN A 152 -4.74 -26.56 -13.60
C GLN A 152 -3.71 -26.02 -14.58
N GLY A 153 -3.02 -24.95 -14.18
CA GLY A 153 -1.92 -24.43 -14.95
C GLY A 153 -2.31 -23.49 -16.07
N GLU A 154 -3.59 -23.17 -16.20
CA GLU A 154 -4.11 -22.37 -17.33
C GLU A 154 -4.80 -21.10 -16.82
N VAL A 155 -4.63 -20.02 -17.57
CA VAL A 155 -5.25 -18.77 -17.23
C VAL A 155 -6.64 -18.68 -17.81
N TRP A 156 -7.57 -18.34 -16.92
CA TRP A 156 -8.95 -18.06 -17.27
C TRP A 156 -9.27 -16.60 -16.96
N VAL A 157 -10.02 -15.97 -17.86
CA VAL A 157 -10.38 -14.58 -17.73
C VAL A 157 -11.87 -14.51 -17.84
N ASN A 158 -12.48 -14.04 -16.75
CA ASN A 158 -13.93 -13.90 -16.67
C ASN A 158 -14.70 -15.09 -17.32
N GLY A 159 -14.34 -16.32 -16.95
CA GLY A 159 -15.10 -17.49 -17.35
C GLY A 159 -14.66 -18.28 -18.57
N ARG A 160 -13.65 -17.77 -19.29
CA ARG A 160 -13.18 -18.40 -20.53
C ARG A 160 -11.70 -18.72 -20.44
N ARG A 161 -11.25 -19.78 -21.10
CA ARG A 161 -9.80 -19.94 -21.23
C ARG A 161 -9.28 -18.73 -21.99
N LEU A 162 -8.08 -18.34 -21.64
CA LEU A 162 -7.45 -17.18 -22.25
C LEU A 162 -7.52 -17.14 -23.78
N THR A 163 -7.39 -18.31 -24.42
CA THR A 163 -7.37 -18.42 -25.89
C THR A 163 -8.75 -18.32 -26.51
N ASP A 164 -9.76 -18.13 -25.67
CA ASP A 164 -11.11 -17.86 -26.13
C ASP A 164 -11.50 -16.43 -25.79
N THR A 165 -10.51 -15.54 -25.63
CA THR A 165 -10.76 -14.14 -25.34
C THR A 165 -10.11 -13.21 -26.36
N GLU A 166 -10.39 -11.92 -26.22
CA GLU A 166 -9.82 -10.91 -27.11
C GLU A 166 -8.33 -10.78 -26.92
N PHE A 167 -7.89 -10.86 -25.66
CA PHE A 167 -6.49 -10.55 -25.31
C PHE A 167 -5.55 -11.36 -26.17
N ALA A 168 -6.14 -12.32 -26.85
CA ALA A 168 -5.46 -13.27 -27.73
C ALA A 168 -5.57 -13.08 -29.25
N SER A 169 -6.10 -11.96 -29.71
CA SER A 169 -6.20 -11.76 -31.16
C SER A 169 -5.31 -10.63 -31.61
N ASP A 170 -3.98 -10.83 -31.53
CA ASP A 170 -3.03 -9.78 -31.85
C ASP A 170 -3.52 -8.60 -31.04
N PRO A 171 -3.44 -7.37 -31.56
CA PRO A 171 -2.89 -6.89 -32.83
C PRO A 171 -1.37 -7.01 -32.92
N LYS A 172 -0.68 -7.06 -31.78
CA LYS A 172 0.78 -7.06 -31.82
C LYS A 172 1.43 -8.33 -31.25
N THR A 173 0.76 -8.96 -30.30
CA THR A 173 1.38 -9.97 -29.48
C THR A 173 0.37 -11.06 -29.15
N PRO A 174 0.34 -12.08 -30.01
CA PRO A 174 -0.71 -13.09 -29.95
C PRO A 174 -0.56 -13.92 -28.70
N VAL A 175 -1.66 -14.52 -28.26
CA VAL A 175 -1.59 -15.48 -27.19
C VAL A 175 -2.11 -16.81 -27.70
N THR A 176 -1.21 -17.78 -27.84
CA THR A 176 -1.54 -19.02 -28.49
C THR A 176 -1.90 -20.15 -27.54
N SER A 177 -1.75 -19.92 -26.25
CA SER A 177 -2.11 -20.92 -25.23
C SER A 177 -2.47 -20.26 -23.95
N ALA A 178 -3.46 -20.82 -23.27
CA ALA A 178 -3.77 -20.44 -21.89
C ALA A 178 -2.84 -21.10 -20.88
N SER A 179 -2.13 -22.13 -21.31
CA SER A 179 -1.17 -22.81 -20.41
C SER A 179 0.09 -21.99 -20.20
N ILE A 180 0.34 -21.62 -18.96
CA ILE A 180 1.53 -20.86 -18.63
C ILE A 180 2.79 -21.64 -19.05
N ALA A 181 2.84 -22.95 -18.77
CA ALA A 181 3.97 -23.78 -19.18
C ALA A 181 4.17 -23.73 -20.68
N ALA A 182 3.08 -23.86 -21.44
CA ALA A 182 3.20 -23.90 -22.89
C ALA A 182 3.75 -22.57 -23.40
N ARG A 183 3.24 -21.46 -22.86
CA ARG A 183 3.73 -20.16 -23.27
C ARG A 183 5.21 -20.04 -22.96
N LEU A 184 5.59 -20.42 -21.76
CA LEU A 184 7.00 -20.32 -21.35
C LEU A 184 7.90 -21.14 -22.28
N ALA A 185 7.45 -22.33 -22.63
CA ALA A 185 8.26 -23.28 -23.40
C ALA A 185 8.57 -22.81 -24.82
N GLU A 186 7.83 -21.81 -25.29
CA GLU A 186 8.13 -21.22 -26.57
C GLU A 186 9.51 -20.54 -26.57
N GLN A 187 9.95 -20.11 -25.39
CA GLN A 187 11.19 -19.34 -25.29
C GLN A 187 12.22 -19.87 -24.32
N THR A 188 11.82 -20.75 -23.41
CA THR A 188 12.80 -21.33 -22.47
C THR A 188 12.53 -22.82 -22.24
N ALA A 189 13.61 -23.58 -22.18
CA ALA A 189 13.55 -25.01 -21.88
C ALA A 189 13.83 -25.31 -20.41
N LEU A 190 13.86 -24.30 -19.57
CA LEU A 190 14.03 -24.51 -18.13
C LEU A 190 12.98 -25.50 -17.64
N PRO A 191 13.39 -26.47 -16.82
CA PRO A 191 12.40 -27.40 -16.28
C PRO A 191 11.36 -26.76 -15.37
N VAL A 192 10.12 -27.18 -15.56
CA VAL A 192 8.97 -26.62 -14.87
C VAL A 192 8.19 -27.68 -14.13
N ALA A 193 7.38 -27.22 -13.20
CA ALA A 193 6.41 -28.06 -12.49
C ALA A 193 5.19 -27.23 -12.15
N GLU A 194 4.01 -27.85 -12.19
CA GLU A 194 2.78 -27.17 -11.80
C GLU A 194 2.28 -27.67 -10.46
N ILE A 195 1.81 -26.74 -9.65
CA ILE A 195 1.15 -27.03 -8.40
C ILE A 195 -0.27 -26.52 -8.54
N HIS A 196 -1.23 -27.43 -8.59
CA HIS A 196 -2.60 -27.02 -8.80
C HIS A 196 -3.24 -26.65 -7.48
N LEU A 197 -4.48 -26.16 -7.51
CA LEU A 197 -5.03 -25.42 -6.37
C LEU A 197 -5.06 -26.19 -5.05
N ASP A 198 -5.50 -27.44 -5.07
CA ASP A 198 -5.60 -28.21 -3.81
C ASP A 198 -4.24 -28.31 -3.14
N GLU A 199 -3.22 -28.55 -3.96
CA GLU A 199 -1.84 -28.68 -3.45
C GLU A 199 -1.31 -27.33 -3.01
N VAL A 200 -1.64 -26.26 -3.73
CA VAL A 200 -1.25 -24.91 -3.31
C VAL A 200 -1.74 -24.64 -1.89
N ARG A 201 -2.96 -25.06 -1.59
CA ARG A 201 -3.60 -24.64 -0.35
C ARG A 201 -3.14 -25.43 0.87
N GLN A 202 -2.27 -26.40 0.67
CA GLN A 202 -1.81 -27.22 1.78
C GLN A 202 -0.86 -26.43 2.67
N ALA A 203 -0.81 -26.78 3.96
CA ALA A 203 0.02 -26.04 4.89
C ALA A 203 1.49 -26.28 4.61
N ASN A 204 1.81 -27.39 3.95
CA ASN A 204 3.20 -27.74 3.67
C ASN A 204 3.73 -27.22 2.35
N LEU A 205 3.11 -26.19 1.78
CA LEU A 205 3.52 -25.70 0.48
C LEU A 205 5.03 -25.37 0.41
N ALA A 206 5.58 -24.74 1.45
CA ALA A 206 7.00 -24.36 1.40
C ALA A 206 7.88 -25.60 1.26
N HIS A 207 7.53 -26.68 1.95
CA HIS A 207 8.30 -27.92 1.84
C HIS A 207 8.25 -28.43 0.42
N ARG A 208 7.09 -28.29 -0.21
CA ARG A 208 6.95 -28.74 -1.59
C ARG A 208 7.78 -27.87 -2.54
N LEU A 209 7.79 -26.56 -2.32
CA LEU A 209 8.63 -25.68 -3.11
C LEU A 209 10.10 -26.07 -2.94
N GLN A 210 10.52 -26.34 -1.71
CA GLN A 210 11.89 -26.77 -1.45
C GLN A 210 12.23 -28.08 -2.14
N GLN A 211 11.28 -29.00 -2.15
CA GLN A 211 11.49 -30.29 -2.78
C GLN A 211 11.79 -30.07 -4.25
N LEU A 212 10.92 -29.30 -4.91
CA LEU A 212 11.07 -29.10 -6.34
C LEU A 212 12.39 -28.42 -6.64
N ALA A 213 12.77 -27.43 -5.82
CA ALA A 213 14.05 -26.76 -5.98
C ALA A 213 15.20 -27.76 -5.93
N ASP A 214 15.16 -28.61 -4.90
CA ASP A 214 16.21 -29.60 -4.70
C ASP A 214 16.30 -30.58 -5.88
N GLU A 215 15.15 -30.93 -6.46
CA GLU A 215 15.10 -31.85 -7.60
C GLU A 215 15.58 -31.23 -8.92
N GLY A 216 15.75 -29.90 -8.93
CA GLY A 216 16.25 -29.23 -10.12
C GLY A 216 15.20 -28.56 -10.98
N THR A 217 13.95 -28.59 -10.54
CA THR A 217 12.91 -27.80 -11.18
C THR A 217 13.30 -26.34 -11.01
N ARG A 218 13.10 -25.54 -12.07
CA ARG A 218 13.47 -24.13 -12.02
C ARG A 218 12.28 -23.20 -11.98
N LEU A 219 11.20 -23.54 -12.67
CA LEU A 219 10.00 -22.69 -12.72
C LEU A 219 8.83 -23.45 -12.12
N ILE A 220 8.28 -22.91 -11.05
CA ILE A 220 7.14 -23.52 -10.37
C ILE A 220 5.89 -22.69 -10.65
N ILE A 221 4.89 -23.29 -11.30
CA ILE A 221 3.68 -22.59 -11.75
C ILE A 221 2.53 -22.94 -10.84
N LEU A 222 1.94 -21.93 -10.19
CA LEU A 222 0.99 -22.12 -9.12
C LEU A 222 -0.41 -21.66 -9.49
N ASP A 223 -1.38 -22.52 -9.21
CA ASP A 223 -2.77 -22.13 -9.30
C ASP A 223 -3.11 -21.06 -8.29
N THR A 224 -4.21 -20.36 -8.56
CA THR A 224 -4.78 -19.39 -7.65
C THR A 224 -6.21 -19.12 -8.05
N ASP A 225 -7.13 -19.08 -7.08
CA ASP A 225 -8.49 -18.68 -7.36
C ASP A 225 -8.89 -17.36 -6.68
N VAL A 226 -8.37 -17.14 -5.48
CA VAL A 226 -8.69 -15.93 -4.73
C VAL A 226 -7.43 -15.29 -4.20
N GLN A 227 -7.54 -14.03 -3.79
CA GLN A 227 -6.35 -13.32 -3.38
C GLN A 227 -5.66 -13.98 -2.17
N ASP A 228 -6.43 -14.63 -1.29
CA ASP A 228 -5.82 -15.34 -0.15
C ASP A 228 -4.81 -16.41 -0.62
N ASP A 229 -5.02 -16.99 -1.80
CA ASP A 229 -4.08 -17.99 -2.31
C ASP A 229 -2.72 -17.37 -2.57
N LEU A 230 -2.72 -16.13 -3.04
CA LEU A 230 -1.49 -15.39 -3.30
C LEU A 230 -0.81 -15.03 -1.98
N THR A 231 -1.59 -14.66 -0.98
CA THR A 231 -1.05 -14.45 0.38
C THR A 231 -0.32 -15.69 0.87
N HIS A 232 -0.97 -16.83 0.73
CA HIS A 232 -0.42 -18.10 1.15
C HIS A 232 0.87 -18.45 0.39
N ILE A 233 0.87 -18.20 -0.91
CA ILE A 233 2.05 -18.47 -1.74
C ILE A 233 3.21 -17.60 -1.30
N VAL A 234 2.94 -16.33 -1.04
CA VAL A 234 4.01 -15.45 -0.59
C VAL A 234 4.51 -15.85 0.81
N ASN A 235 3.62 -16.31 1.70
CA ASN A 235 4.08 -16.79 2.99
C ASN A 235 5.00 -18.02 2.83
N ALA A 236 4.67 -18.91 1.90
CA ALA A 236 5.54 -20.05 1.62
C ALA A 236 6.89 -19.60 1.07
N ALA A 237 6.88 -18.63 0.17
CA ALA A 237 8.10 -18.09 -0.42
C ALA A 237 9.01 -17.53 0.65
N ARG A 238 8.39 -16.88 1.64
CA ARG A 238 9.15 -16.29 2.74
C ARG A 238 9.74 -17.31 3.71
N ALA A 239 9.31 -18.57 3.62
CA ALA A 239 9.76 -19.61 4.52
C ALA A 239 10.94 -20.40 3.97
N LEU A 240 11.36 -20.06 2.75
CA LEU A 240 12.43 -20.76 2.08
C LEU A 240 13.76 -20.15 2.50
N PRO A 241 14.84 -20.93 2.39
CA PRO A 241 16.16 -20.45 2.84
C PRO A 241 16.86 -19.53 1.85
N PHE A 242 16.21 -19.28 0.71
CA PHE A 242 16.66 -18.29 -0.26
C PHE A 242 15.38 -17.54 -0.65
N ARG A 243 15.54 -16.38 -1.31
CA ARG A 243 14.38 -15.66 -1.79
C ARG A 243 14.19 -16.05 -3.25
N PRO A 244 13.11 -16.81 -3.53
CA PRO A 244 12.87 -17.12 -4.94
C PRO A 244 12.55 -15.89 -5.77
N LEU A 245 12.84 -15.96 -7.06
CA LEU A 245 12.29 -14.97 -7.98
C LEU A 245 10.78 -15.10 -7.98
N LEU A 246 10.08 -13.98 -7.91
CA LEU A 246 8.63 -13.96 -8.04
C LEU A 246 8.27 -13.50 -9.43
N VAL A 247 7.25 -14.14 -10.00
CA VAL A 247 6.77 -13.82 -11.33
C VAL A 247 5.26 -13.76 -11.30
N GLY A 248 4.67 -12.61 -11.63
CA GLY A 248 3.22 -12.53 -11.66
C GLY A 248 2.74 -11.19 -12.12
N SER A 249 1.48 -10.95 -11.85
CA SER A 249 0.82 -9.72 -12.25
C SER A 249 0.43 -8.96 -11.01
N ALA A 250 -0.62 -8.12 -11.11
CA ALA A 250 -0.97 -7.27 -9.97
C ALA A 250 -1.24 -8.03 -8.69
N GLY A 251 -1.86 -9.19 -8.79
CA GLY A 251 -2.20 -9.97 -7.61
C GLY A 251 -0.99 -10.32 -6.75
N LEU A 252 0.03 -10.89 -7.39
CA LEU A 252 1.23 -11.29 -6.66
C LEU A 252 1.97 -10.09 -6.14
N SER A 253 2.00 -9.05 -6.94
CA SER A 253 2.66 -7.82 -6.53
C SER A 253 2.00 -7.24 -5.28
N ASP A 254 0.68 -7.24 -5.24
CA ASP A 254 -0.05 -6.77 -4.05
C ASP A 254 0.25 -7.64 -2.82
N ALA A 255 0.27 -8.96 -3.00
CA ALA A 255 0.58 -9.84 -1.90
C ALA A 255 2.01 -9.61 -1.38
N LEU A 256 2.96 -9.42 -2.28
CA LEU A 256 4.35 -9.13 -1.88
C LEU A 256 4.36 -7.82 -1.12
N ALA A 257 3.71 -6.80 -1.68
CA ALA A 257 3.70 -5.50 -1.03
C ALA A 257 3.13 -5.55 0.39
N THR A 258 2.03 -6.27 0.55
CA THR A 258 1.41 -6.49 1.85
C THR A 258 2.36 -7.19 2.84
N ALA A 259 3.03 -8.23 2.39
CA ALA A 259 3.91 -9.01 3.24
C ALA A 259 5.13 -8.24 3.74
N GLN A 260 5.54 -7.22 2.99
CA GLN A 260 6.68 -6.42 3.37
C GLN A 260 6.38 -5.59 4.61
N ASP A 261 5.11 -5.34 4.87
CA ASP A 261 4.70 -4.65 6.08
C ASP A 261 5.47 -3.34 6.21
N PHE A 262 5.36 -2.49 5.20
CA PHE A 262 6.06 -1.22 5.19
C PHE A 262 5.48 -0.35 6.29
N THR A 263 6.36 0.34 7.01
CA THR A 263 5.93 1.27 8.04
C THR A 263 5.08 2.38 7.45
N ARG A 264 3.85 2.50 7.92
CA ARG A 264 2.98 3.53 7.41
C ARG A 264 3.28 4.82 8.19
N LYS A 265 3.66 5.87 7.48
CA LYS A 265 3.90 7.19 8.06
C LYS A 265 3.49 8.28 7.08
N THR A 266 3.18 9.47 7.61
CA THR A 266 2.96 10.65 6.78
C THR A 266 3.75 11.83 7.33
N GLU A 267 4.25 12.68 6.44
CA GLU A 267 5.10 13.79 6.81
C GLU A 267 4.32 14.84 7.61
N LYS A 268 3.14 15.20 7.12
CA LYS A 268 2.26 16.18 7.78
C LYS A 268 0.91 15.54 8.11
N PRO A 269 0.82 14.87 9.26
CA PRO A 269 -0.39 14.08 9.54
C PRO A 269 -1.54 14.95 10.04
N LEU A 270 -2.72 14.39 9.98
CA LEU A 270 -3.90 15.01 10.60
C LEU A 270 -3.83 15.06 12.13
N LEU A 271 -4.23 16.19 12.68
CA LEU A 271 -4.56 16.30 14.09
C LEU A 271 -6.08 16.38 14.15
N ALA A 272 -6.70 15.39 14.77
CA ALA A 272 -8.14 15.39 14.94
C ALA A 272 -8.49 15.60 16.42
N VAL A 273 -9.51 16.43 16.66
CA VAL A 273 -9.97 16.71 18.00
C VAL A 273 -11.46 16.47 18.03
N VAL A 274 -11.86 15.44 18.78
CA VAL A 274 -13.23 14.94 18.77
C VAL A 274 -13.81 14.90 20.20
N GLY A 275 -14.85 15.69 20.45
CA GLY A 275 -15.54 15.67 21.72
C GLY A 275 -16.90 15.01 21.60
N SER A 276 -17.24 14.58 20.39
CA SER A 276 -18.52 13.91 20.17
C SER A 276 -18.53 12.52 20.80
N MET A 277 -19.60 12.21 21.53
CA MET A 277 -19.74 10.90 22.16
C MET A 277 -20.74 10.02 21.42
N SER A 278 -21.17 10.47 20.24
CA SER A 278 -22.12 9.70 19.44
C SER A 278 -21.56 8.35 19.02
N ASP A 279 -22.46 7.39 18.81
CA ASP A 279 -22.07 6.05 18.40
C ASP A 279 -21.23 6.07 17.13
N ILE A 280 -21.61 6.92 16.19
CA ILE A 280 -20.95 6.92 14.89
C ILE A 280 -19.52 7.48 15.02
N ALA A 281 -19.32 8.43 15.93
CA ALA A 281 -17.99 8.97 16.16
C ALA A 281 -17.07 7.87 16.67
N GLN A 282 -17.59 7.05 17.57
CA GLN A 282 -16.82 5.92 18.07
C GLN A 282 -16.43 5.00 16.93
N LYS A 283 -17.36 4.72 16.02
CA LYS A 283 -17.09 3.82 14.92
C LYS A 283 -16.08 4.41 13.94
N GLN A 284 -16.20 5.72 13.68
CA GLN A 284 -15.26 6.39 12.78
C GLN A 284 -13.85 6.38 13.34
N ILE A 285 -13.72 6.62 14.64
CA ILE A 285 -12.41 6.61 15.27
C ILE A 285 -11.86 5.17 15.29
N ALA A 286 -12.73 4.22 15.61
CA ALA A 286 -12.32 2.82 15.64
C ALA A 286 -11.75 2.37 14.28
N ALA A 287 -12.38 2.81 13.20
CA ALA A 287 -11.91 2.44 11.88
C ALA A 287 -10.49 2.98 11.66
N ALA A 288 -10.22 4.20 12.11
CA ALA A 288 -8.90 4.78 11.97
C ALA A 288 -7.92 4.13 12.92
N ARG A 289 -8.43 3.77 14.09
CA ARG A 289 -7.63 3.13 15.13
C ARG A 289 -7.00 1.80 14.66
N LEU A 290 -7.60 1.18 13.65
CA LEU A 290 -7.09 -0.10 13.15
C LEU A 290 -5.73 0.08 12.48
N ARG A 291 -5.48 1.31 12.04
CA ARG A 291 -4.27 1.62 11.29
C ARG A 291 -3.05 1.73 12.17
N SER A 292 -1.91 1.30 11.62
CA SER A 292 -0.63 1.37 12.32
C SER A 292 -0.02 2.76 12.29
N ASP A 293 -0.63 3.69 11.56
CA ASP A 293 -0.12 5.06 11.51
C ASP A 293 -1.06 6.05 12.20
N VAL A 294 -1.93 5.55 13.08
CA VAL A 294 -2.86 6.37 13.84
C VAL A 294 -2.60 6.15 15.34
N THR A 295 -2.46 7.27 16.06
CA THR A 295 -2.29 7.26 17.51
C THR A 295 -3.43 8.03 18.19
N LEU A 296 -4.05 7.41 19.20
CA LEU A 296 -5.10 8.08 19.95
C LEU A 296 -4.53 8.72 21.22
N VAL A 297 -4.99 9.92 21.51
CA VAL A 297 -4.73 10.52 22.82
C VAL A 297 -6.09 10.64 23.50
N GLU A 298 -6.31 9.87 24.56
CA GLU A 298 -7.64 9.81 25.17
C GLU A 298 -7.76 10.76 26.36
N ILE A 299 -8.86 11.51 26.39
CA ILE A 299 -9.07 12.58 27.37
C ILE A 299 -10.15 12.17 28.36
N ASP A 300 -9.71 11.73 29.53
CA ASP A 300 -10.60 11.34 30.62
C ASP A 300 -11.32 12.56 31.16
N ILE A 301 -12.61 12.66 30.85
CA ILE A 301 -13.45 13.77 31.28
C ILE A 301 -13.41 13.98 32.79
N ASN A 302 -13.30 12.88 33.53
CA ASN A 302 -13.27 12.96 34.98
C ASN A 302 -12.06 13.78 35.46
N ALA A 303 -10.93 13.58 34.80
CA ALA A 303 -9.67 14.21 35.20
C ALA A 303 -9.73 15.73 35.07
N LEU A 304 -10.71 16.24 34.32
CA LEU A 304 -10.85 17.67 34.13
C LEU A 304 -11.18 18.42 35.42
N PHE A 305 -11.75 17.72 36.40
CA PHE A 305 -12.14 18.35 37.65
C PHE A 305 -11.06 18.20 38.73
N SER A 306 -10.05 17.38 38.44
CA SER A 306 -8.93 17.19 39.36
C SER A 306 -8.00 18.41 39.37
N PRO A 307 -7.26 18.61 40.46
CA PRO A 307 -6.36 19.77 40.59
C PRO A 307 -5.14 19.67 39.68
N ASP A 308 -4.73 18.45 39.34
CA ASP A 308 -3.60 18.24 38.43
C ASP A 308 -3.97 18.32 36.95
N SER A 309 -5.12 18.93 36.65
CA SER A 309 -5.64 18.96 35.30
C SER A 309 -4.61 19.53 34.33
N SER A 310 -3.91 20.56 34.77
CA SER A 310 -2.96 21.26 33.92
C SER A 310 -1.78 20.35 33.56
N THR A 311 -1.29 19.60 34.53
CA THR A 311 -0.16 18.71 34.32
C THR A 311 -0.56 17.59 33.36
N VAL A 312 -1.80 17.13 33.48
CA VAL A 312 -2.32 16.13 32.58
C VAL A 312 -2.44 16.72 31.15
N MET A 313 -2.88 17.96 31.03
CA MET A 313 -2.96 18.58 29.70
C MET A 313 -1.58 18.69 29.07
N ALA A 314 -0.61 19.11 29.85
CA ALA A 314 0.77 19.18 29.40
C ALA A 314 1.19 17.83 28.86
N SER A 315 0.80 16.77 29.56
CA SER A 315 1.13 15.41 29.17
C SER A 315 0.48 15.03 27.83
N GLN A 316 -0.82 15.32 27.72
CA GLN A 316 -1.56 15.06 26.49
C GLN A 316 -0.96 15.83 25.31
N CYS A 317 -0.54 17.07 25.56
CA CYS A 317 0.13 17.88 24.54
C CYS A 317 1.38 17.19 24.05
N GLU A 318 2.17 16.67 24.99
CA GLU A 318 3.41 16.00 24.63
C GLU A 318 3.11 14.76 23.80
N ASP A 319 2.05 14.05 24.17
CA ASP A 319 1.70 12.82 23.50
C ASP A 319 1.32 13.07 22.06
N ALA A 320 0.58 14.17 21.84
CA ALA A 320 0.14 14.52 20.49
C ALA A 320 1.33 14.94 19.64
N LEU A 321 2.24 15.71 20.22
CA LEU A 321 3.45 16.13 19.51
C LEU A 321 4.29 14.94 19.06
N LYS A 322 4.36 13.92 19.91
CA LYS A 322 5.20 12.77 19.63
C LYS A 322 4.58 11.99 18.49
N ALA A 323 3.25 11.88 18.50
CA ALA A 323 2.56 11.19 17.41
C ALA A 323 2.80 11.92 16.08
N LEU A 324 2.53 13.22 16.06
CA LEU A 324 2.62 14.01 14.83
C LEU A 324 4.05 14.08 14.27
N THR A 325 5.03 14.27 15.14
CA THR A 325 6.41 14.38 14.66
C THR A 325 6.98 13.04 14.18
N ASN A 326 6.36 11.94 14.59
CA ASN A 326 6.80 10.62 14.15
C ASN A 326 5.92 10.09 13.01
N GLY A 327 5.10 10.98 12.44
CA GLY A 327 4.37 10.63 11.23
C GLY A 327 3.06 9.89 11.42
N HIS A 328 2.55 9.86 12.64
CA HIS A 328 1.22 9.31 12.88
C HIS A 328 0.16 10.40 12.89
N HIS A 329 -0.96 10.10 12.27
CA HIS A 329 -2.17 10.87 12.50
C HIS A 329 -2.46 10.77 13.98
N CYS A 330 -2.94 11.86 14.58
CA CYS A 330 -3.20 11.88 16.01
C CYS A 330 -4.67 12.22 16.25
N ILE A 331 -5.39 11.33 16.92
CA ILE A 331 -6.76 11.59 17.26
C ILE A 331 -6.88 11.85 18.75
N ILE A 332 -7.27 13.06 19.11
CA ILE A 332 -7.60 13.41 20.49
C ILE A 332 -9.11 13.21 20.67
N ARG A 333 -9.51 12.39 21.62
CA ARG A 333 -10.93 12.16 21.84
C ARG A 333 -11.26 12.00 23.32
N THR A 334 -12.43 12.48 23.70
CA THR A 334 -12.89 12.38 25.08
C THR A 334 -13.46 10.99 25.36
N CYS A 335 -13.38 10.58 26.61
CA CYS A 335 -13.91 9.30 27.06
C CYS A 335 -14.26 9.35 28.54
N GLN A 356 -24.83 20.76 29.58
CA GLN A 356 -24.97 22.19 29.80
C GLN A 356 -23.58 22.84 29.89
N GLN A 357 -23.10 23.07 31.10
CA GLN A 357 -21.80 23.69 31.32
C GLN A 357 -20.70 22.66 31.24
N LEU A 358 -21.08 21.39 31.38
CA LEU A 358 -20.13 20.31 31.23
C LEU A 358 -19.53 20.35 29.83
N GLY A 359 -20.42 20.44 28.83
CA GLY A 359 -19.99 20.46 27.46
C GLY A 359 -19.05 21.61 27.19
N GLU A 360 -19.32 22.74 27.84
CA GLU A 360 -18.53 23.96 27.66
C GLU A 360 -17.17 23.83 28.33
N THR A 361 -17.14 23.17 29.48
CA THR A 361 -15.88 22.87 30.17
C THR A 361 -15.00 22.01 29.29
N ILE A 362 -15.59 20.97 28.72
CA ILE A 362 -14.88 20.06 27.81
C ILE A 362 -14.41 20.79 26.54
N SER A 363 -15.25 21.62 25.95
CA SER A 363 -14.86 22.26 24.71
C SER A 363 -13.75 23.27 24.99
N HIS A 364 -13.84 23.95 26.12
CA HIS A 364 -12.82 24.95 26.43
C HIS A 364 -11.47 24.27 26.64
N TYR A 365 -11.50 23.10 27.29
CA TYR A 365 -10.29 22.35 27.58
C TYR A 365 -9.66 21.88 26.29
N LEU A 366 -10.47 21.34 25.39
CA LEU A 366 -9.94 20.87 24.13
C LEU A 366 -9.40 22.03 23.31
N GLY A 367 -10.06 23.18 23.39
CA GLY A 367 -9.54 24.35 22.71
C GLY A 367 -8.15 24.70 23.21
N GLU A 368 -7.97 24.69 24.53
CA GLU A 368 -6.69 25.04 25.13
C GLU A 368 -5.60 23.99 24.84
N LEU A 369 -5.97 22.72 24.87
CA LEU A 369 -5.04 21.66 24.50
C LEU A 369 -4.57 21.81 23.05
N THR A 370 -5.50 22.11 22.16
CA THR A 370 -5.16 22.24 20.75
C THR A 370 -4.25 23.46 20.56
N ARG A 371 -4.58 24.57 21.19
CA ARG A 371 -3.74 25.75 21.09
C ARG A 371 -2.33 25.41 21.58
N SER A 372 -2.25 24.70 22.71
CA SER A 372 -0.95 24.32 23.28
C SER A 372 -0.11 23.51 22.31
N ILE A 373 -0.75 22.57 21.63
CA ILE A 373 -0.05 21.71 20.69
C ILE A 373 0.48 22.52 19.50
N VAL A 374 -0.34 23.44 18.99
CA VAL A 374 0.08 24.29 17.88
C VAL A 374 1.25 25.19 18.27
N GLN A 375 1.20 25.79 19.45
CA GLN A 375 2.33 26.62 19.89
C GLN A 375 3.57 25.79 20.07
N ALA A 376 3.41 24.60 20.61
CA ALA A 376 4.54 23.73 20.86
C ALA A 376 5.20 23.26 19.57
N LEU A 377 4.43 23.19 18.48
CA LEU A 377 4.98 22.75 17.20
C LEU A 377 5.77 23.89 16.56
N LEU A 389 3.60 21.50 10.75
CA LEU A 389 2.70 20.56 11.41
C LEU A 389 1.57 21.29 12.12
N PRO A 390 0.39 20.68 12.16
CA PRO A 390 -0.01 19.42 11.51
C PRO A 390 -0.34 19.63 10.03
N GLY A 391 -0.57 18.57 9.28
CA GLY A 391 -0.99 18.72 7.89
C GLY A 391 -2.43 19.17 7.75
N GLY A 392 -3.22 18.95 8.80
CA GLY A 392 -4.60 19.38 8.82
C GLY A 392 -5.14 19.31 10.22
N LEU A 393 -6.27 19.96 10.43
CA LEU A 393 -6.93 19.98 11.72
C LEU A 393 -8.41 19.64 11.49
N TYR A 394 -8.86 18.55 12.09
CA TYR A 394 -10.26 18.11 12.02
C TYR A 394 -10.92 18.28 13.38
N LEU A 395 -12.06 18.94 13.40
CA LEU A 395 -12.73 19.31 14.63
C LEU A 395 -14.19 18.84 14.64
N SER A 396 -14.60 18.15 15.68
CA SER A 396 -15.98 17.65 15.73
C SER A 396 -16.40 17.46 17.17
N GLY A 397 -17.64 17.76 17.56
CA GLY A 397 -18.65 18.39 16.71
C GLY A 397 -18.53 19.89 16.64
N GLY A 398 -19.65 20.55 16.40
CA GLY A 398 -19.62 21.99 16.17
C GLY A 398 -19.15 22.82 17.36
N ASP A 399 -19.51 22.40 18.57
CA ASP A 399 -19.06 23.10 19.77
C ASP A 399 -17.54 23.05 19.89
N ILE A 400 -16.94 21.92 19.52
CA ILE A 400 -15.50 21.78 19.51
C ILE A 400 -14.88 22.66 18.41
N ALA A 401 -15.48 22.63 17.22
CA ALA A 401 -14.98 23.41 16.10
C ALA A 401 -14.90 24.88 16.50
N ILE A 402 -15.96 25.38 17.13
CA ILE A 402 -16.00 26.80 17.47
C ILE A 402 -15.06 27.12 18.63
N ALA A 403 -15.00 26.24 19.64
CA ALA A 403 -14.14 26.49 20.78
C ALA A 403 -12.68 26.48 20.38
N VAL A 404 -12.31 25.54 19.51
CA VAL A 404 -10.93 25.43 19.07
C VAL A 404 -10.58 26.61 18.15
N ALA A 405 -11.46 26.94 17.22
CA ALA A 405 -11.20 28.05 16.32
C ALA A 405 -10.93 29.30 17.11
N THR A 406 -11.74 29.52 18.13
CA THR A 406 -11.66 30.72 18.95
C THR A 406 -10.35 30.72 19.73
N ALA A 407 -9.97 29.55 20.27
CA ALA A 407 -8.72 29.45 20.99
C ALA A 407 -7.52 29.72 20.11
N LEU A 408 -7.63 29.43 18.82
CA LEU A 408 -6.55 29.66 17.86
C LEU A 408 -6.58 31.08 17.29
N GLY A 409 -7.48 31.90 17.78
CA GLY A 409 -7.58 33.28 17.34
C GLY A 409 -8.28 33.50 16.02
N ALA A 410 -8.97 32.49 15.50
CA ALA A 410 -9.63 32.63 14.22
C ALA A 410 -10.83 33.57 14.26
N THR A 411 -11.04 34.28 13.17
CA THR A 411 -12.16 35.21 13.06
C THR A 411 -13.25 34.66 12.16
N GLY A 412 -12.92 33.60 11.45
CA GLY A 412 -13.88 32.96 10.57
C GLY A 412 -13.29 31.74 9.90
N PHE A 413 -14.07 31.21 8.96
CA PHE A 413 -13.74 29.96 8.27
C PHE A 413 -14.05 30.15 6.81
N GLN A 414 -13.01 30.12 5.97
CA GLN A 414 -13.17 30.21 4.53
C GLN A 414 -13.45 28.81 4.04
N ILE A 415 -14.61 28.57 3.44
CA ILE A 415 -15.00 27.23 3.03
C ILE A 415 -14.62 27.02 1.57
N LYS A 416 -13.82 26.00 1.30
CA LYS A 416 -13.41 25.65 -0.06
C LYS A 416 -14.21 24.51 -0.68
N GLY A 417 -14.76 23.63 0.16
CA GLY A 417 -15.50 22.49 -0.34
C GLY A 417 -15.91 21.57 0.78
N GLN A 418 -16.14 20.30 0.45
CA GLN A 418 -16.56 19.32 1.43
C GLN A 418 -15.99 17.95 1.08
N ILE A 419 -15.64 17.19 2.11
CA ILE A 419 -15.15 15.81 2.00
C ILE A 419 -16.22 14.88 2.47
N ALA A 420 -16.39 13.74 1.78
CA ALA A 420 -17.26 12.66 2.23
C ALA A 420 -18.71 13.07 2.45
N SER A 421 -19.16 14.09 1.72
CA SER A 421 -20.53 14.59 1.79
C SER A 421 -20.96 15.15 3.14
N CYS A 422 -20.03 15.26 4.08
CA CYS A 422 -20.43 15.85 5.35
C CYS A 422 -19.31 16.49 6.14
N VAL A 423 -18.15 16.69 5.51
CA VAL A 423 -17.02 17.33 6.21
C VAL A 423 -16.56 18.57 5.45
N PRO A 424 -17.15 19.71 5.79
CA PRO A 424 -16.69 20.98 5.20
C PRO A 424 -15.20 21.16 5.46
N TRP A 425 -14.49 21.71 4.47
CA TRP A 425 -13.09 22.00 4.65
C TRP A 425 -12.76 23.36 4.09
N GLY A 426 -11.67 23.92 4.59
CA GLY A 426 -11.18 25.22 4.15
C GLY A 426 -10.05 25.68 5.04
N TYR A 427 -10.06 26.97 5.37
CA TYR A 427 -9.01 27.56 6.16
C TYR A 427 -9.65 28.45 7.20
N LEU A 428 -9.12 28.39 8.41
CA LEU A 428 -9.46 29.40 9.40
C LEU A 428 -8.84 30.73 8.99
N LEU A 429 -9.56 31.81 9.28
CA LEU A 429 -9.05 33.15 9.00
C LEU A 429 -8.39 33.77 10.20
N ASN A 430 -7.18 34.29 9.97
CA ASN A 430 -6.40 35.07 10.94
C ASN A 430 -6.07 34.33 12.23
N SER A 431 -5.81 33.02 12.10
CA SER A 431 -5.55 32.19 13.26
C SER A 431 -4.08 31.81 13.33
N ILE A 432 -3.67 31.28 14.45
CA ILE A 432 -2.28 30.84 14.59
C ILE A 432 -1.93 29.55 13.82
N VAL A 433 -2.90 28.91 13.14
CA VAL A 433 -2.53 27.79 12.29
C VAL A 433 -2.38 28.19 10.84
N GLY A 434 -2.42 29.49 10.55
CA GLY A 434 -2.14 29.96 9.21
C GLY A 434 -3.00 29.29 8.15
N MET A 435 -2.36 28.73 7.13
CA MET A 435 -3.08 28.13 6.01
C MET A 435 -3.19 26.61 6.13
N THR A 436 -3.11 26.12 7.35
CA THR A 436 -3.34 24.71 7.59
C THR A 436 -4.79 24.39 7.24
N PRO A 437 -5.04 23.37 6.39
CA PRO A 437 -6.42 22.96 6.12
C PRO A 437 -7.18 22.58 7.40
N VAL A 438 -8.41 23.08 7.53
CA VAL A 438 -9.25 22.80 8.68
C VAL A 438 -10.55 22.20 8.17
N MET A 439 -10.96 21.14 8.85
CA MET A 439 -12.12 20.35 8.50
C MET A 439 -13.02 20.27 9.71
N THR A 440 -14.32 20.29 9.50
CA THR A 440 -15.23 20.13 10.63
C THR A 440 -16.34 19.19 10.30
N LYS A 441 -16.93 18.60 11.33
CA LYS A 441 -18.05 17.70 11.12
C LYS A 441 -19.00 17.82 12.28
N ALA A 442 -20.29 17.98 11.99
CA ALA A 442 -21.26 18.01 13.06
C ALA A 442 -21.45 16.63 13.70
N GLY A 443 -21.84 16.64 14.96
CA GLY A 443 -22.15 15.43 15.67
C GLY A 443 -23.22 14.64 14.96
N GLY A 444 -22.98 13.34 14.82
CA GLY A 444 -23.98 12.43 14.28
C GLY A 444 -23.83 12.14 12.81
N PHE A 445 -23.05 12.95 12.10
CA PHE A 445 -22.96 12.84 10.65
C PHE A 445 -21.95 11.83 10.17
N GLY A 446 -22.21 11.28 8.99
CA GLY A 446 -21.25 10.43 8.32
C GLY A 446 -21.49 8.96 8.49
N ASN A 447 -20.50 8.18 8.05
CA ASN A 447 -20.59 6.74 8.14
C ASN A 447 -19.30 6.20 8.72
N GLU A 448 -19.15 4.88 8.75
CA GLU A 448 -18.02 4.31 9.45
C GLU A 448 -16.66 4.74 8.88
N THR A 449 -16.62 5.13 7.61
CA THR A 449 -15.35 5.48 6.95
C THR A 449 -15.10 6.98 6.78
N THR A 450 -15.93 7.84 7.36
CA THR A 450 -15.76 9.29 7.16
C THR A 450 -14.38 9.79 7.60
N LEU A 451 -13.93 9.37 8.77
CA LEU A 451 -12.63 9.87 9.24
C LEU A 451 -11.50 9.29 8.38
N LEU A 452 -11.63 8.04 7.93
CA LEU A 452 -10.68 7.49 6.96
C LEU A 452 -10.61 8.35 5.69
N ASP A 453 -11.74 8.87 5.25
CA ASP A 453 -11.76 9.72 4.06
C ASP A 453 -10.98 11.03 4.30
N VAL A 454 -11.06 11.55 5.53
CA VAL A 454 -10.35 12.76 5.87
C VAL A 454 -8.84 12.48 5.92
N LEU A 455 -8.45 11.32 6.46
CA LEU A 455 -7.04 10.97 6.49
C LEU A 455 -6.46 10.97 5.06
N ARG A 456 -7.18 10.33 4.15
CA ARG A 456 -6.76 10.25 2.76
C ARG A 456 -6.64 11.64 2.16
N PHE A 457 -7.60 12.51 2.43
CA PHE A 457 -7.53 13.88 1.94
C PHE A 457 -6.23 14.55 2.36
N ILE A 458 -5.88 14.45 3.65
CA ILE A 458 -4.67 15.10 4.11
C ILE A 458 -3.41 14.43 3.57
N GLU A 459 -3.43 13.10 3.43
CA GLU A 459 -2.32 12.39 2.84
C GLU A 459 -2.05 12.84 1.42
N GLU A 460 -3.11 13.16 0.69
CA GLU A 460 -2.95 13.54 -0.71
C GLU A 460 -2.55 14.99 -0.88
N LYS A 461 -2.77 15.82 0.16
CA LYS A 461 -2.32 17.21 0.15
C LYS A 461 -1.88 17.66 1.53
C1 THE B . -0.73 -3.94 -18.86
C2 THE B . -1.19 -5.36 -18.51
C3 THE B . -1.59 -5.42 -17.03
C4 THE B . -1.97 -6.82 -16.70
O1 THE B . -0.48 -3.88 -20.29
O2 THE B . -0.10 -6.28 -18.76
O3 THE B . -0.49 -4.97 -16.18
O4 THE B . -1.19 -7.52 -16.01
O5 THE B . -3.10 -7.20 -17.12
#